data_1UU3
#
_entry.id   1UU3
#
_cell.length_a   121.623
_cell.length_b   121.623
_cell.length_c   47.875
_cell.angle_alpha   90.00
_cell.angle_beta   90.00
_cell.angle_gamma   120.00
#
_symmetry.space_group_name_H-M   'P 32 2 1'
#
loop_
_entity.id
_entity.type
_entity.pdbx_description
1 polymer '3-PHOSPHOINOSITIDE DEPENDENT PROTEIN KINASE-1'
2 non-polymer GLYCEROL
3 non-polymer 'SULFATE ION'
4 non-polymer '(9R)-9-[(DIMETHYLAMINO)METHYL]-6,7,10,11-TETRAHYDRO-9H,18H-5,21:12,17-DIMETHENODIBENZO[E,K]PYRROLO[3,4-H][1,4,13]OXADIA ZACYCLOHEXADECINE-18,20-DIONE'
5 water water
#
_entity_poly.entity_id   1
_entity_poly.type   'polypeptide(L)'
_entity_poly.pdbx_seq_one_letter_code
;MDGTAAEPRPGAGSLQHAQPPPQPRKKRPEDFKFGKILGEGSFSTVVLARELATSREYAIKILEKRHIIKENKVPYVTRE
RDVMSRLDHPFFVKLYFTFQDDEKLYFGLSYAKNGELLKYIRKIGSFDETCTRFYTAEIVSALEYLHGKGIIHRDLKPEN
ILLNEDMHIQITDFGTAKVLSPESKQARAN(SEP)FVGTAQYVSPELLTEKSACKSSDLWALGCIIYQLVAGLPPFRAGN
EYLIFQKIIKLEYDFPEKFFPKARDLVEKLLVLDATKRLGCEEMEGYGPLKAHPFFESVTWENLHQQTPPKLTA
;
_entity_poly.pdbx_strand_id   A
#
loop_
_chem_comp.id
_chem_comp.type
_chem_comp.name
_chem_comp.formula
GOL non-polymer GLYCEROL 'C3 H8 O3'
LY4 non-polymer '(9R)-9-[(DIMETHYLAMINO)METHYL]-6,7,10,11-TETRAHYDRO-9H,18H-5,21:12,17-DIMETHENODIBENZO[E,K]PYRROLO[3,4-H][1,4,13]OXADIA ZACYCLOHEXADECINE-18,20-DIONE' 'C28 H28 N4 O3'
SO4 non-polymer 'SULFATE ION' 'O4 S -2'
#
# COMPACT_ATOMS: atom_id res chain seq x y z
N GLN A 23 2.19 -30.30 -4.17
CA GLN A 23 2.18 -28.96 -4.85
C GLN A 23 2.95 -29.05 -6.17
N PRO A 24 2.79 -28.07 -7.07
CA PRO A 24 3.48 -28.14 -8.34
C PRO A 24 4.99 -28.19 -8.11
N ARG A 25 5.73 -28.68 -9.09
CA ARG A 25 7.19 -28.76 -9.01
C ARG A 25 7.74 -27.39 -8.63
N LYS A 26 8.73 -27.37 -7.76
CA LYS A 26 9.47 -26.14 -7.49
C LYS A 26 10.03 -25.59 -8.80
N LYS A 27 9.81 -24.30 -9.03
CA LYS A 27 10.25 -23.67 -10.25
C LYS A 27 11.74 -23.31 -10.11
N ARG A 28 12.35 -23.02 -11.24
CA ARG A 28 13.79 -22.70 -11.33
C ARG A 28 13.95 -21.54 -12.30
N PRO A 29 15.06 -20.81 -12.24
CA PRO A 29 15.30 -19.75 -13.22
C PRO A 29 15.14 -20.19 -14.68
N GLU A 30 15.56 -21.40 -15.04
CA GLU A 30 15.53 -21.86 -16.43
C GLU A 30 14.09 -22.10 -16.95
N ASP A 31 13.12 -22.04 -16.04
CA ASP A 31 11.68 -22.18 -16.39
C ASP A 31 11.11 -20.88 -16.97
N PHE A 32 11.88 -19.80 -16.96
CA PHE A 32 11.39 -18.48 -17.34
C PHE A 32 12.30 -17.84 -18.38
N LYS A 33 11.70 -16.98 -19.18
CA LYS A 33 12.40 -16.03 -20.03
C LYS A 33 12.28 -14.68 -19.31
N PHE A 34 13.37 -14.22 -18.71
CA PHE A 34 13.35 -12.93 -18.04
C PHE A 34 13.40 -11.81 -19.04
N GLY A 35 12.72 -10.71 -18.75
CA GLY A 35 12.59 -9.56 -19.60
C GLY A 35 13.08 -8.32 -18.89
N LYS A 36 12.34 -7.23 -19.04
CA LYS A 36 12.80 -5.95 -18.52
C LYS A 36 12.75 -5.89 -17.00
N ILE A 37 13.65 -5.08 -16.46
CA ILE A 37 13.57 -4.68 -15.07
C ILE A 37 12.41 -3.70 -14.89
N LEU A 38 11.50 -4.04 -14.00
CA LEU A 38 10.41 -3.17 -13.62
C LEU A 38 10.88 -2.09 -12.66
N GLY A 39 11.71 -2.47 -11.70
CA GLY A 39 12.35 -1.51 -10.82
C GLY A 39 13.36 -2.08 -9.87
N GLU A 40 14.15 -1.20 -9.26
CA GLU A 40 15.30 -1.56 -8.45
C GLU A 40 15.09 -0.94 -7.08
N GLY A 41 15.35 -1.73 -6.04
CA GLY A 41 15.37 -1.25 -4.69
C GLY A 41 16.75 -1.45 -4.10
N SER A 42 16.88 -1.09 -2.81
CA SER A 42 18.17 -1.22 -2.13
C SER A 42 18.60 -2.67 -1.96
N PHE A 43 17.65 -3.59 -1.81
CA PHE A 43 17.93 -5.01 -1.56
C PHE A 43 17.31 -5.99 -2.55
N SER A 44 16.69 -5.48 -3.59
CA SER A 44 16.00 -6.35 -4.55
C SER A 44 15.87 -5.70 -5.89
N THR A 45 15.56 -6.49 -6.91
CA THR A 45 15.18 -6.02 -8.23
C THR A 45 13.96 -6.81 -8.65
N VAL A 46 12.97 -6.12 -9.19
CA VAL A 46 11.77 -6.79 -9.73
C VAL A 46 11.87 -6.82 -11.25
N VAL A 47 11.76 -8.02 -11.84
CA VAL A 47 11.98 -8.25 -13.25
C VAL A 47 10.75 -8.91 -13.81
N LEU A 48 10.28 -8.47 -14.97
CA LEU A 48 9.16 -9.18 -15.60
C LEU A 48 9.70 -10.49 -16.20
N ALA A 49 8.96 -11.58 -16.06
CA ALA A 49 9.42 -12.85 -16.61
C ALA A 49 8.23 -13.65 -17.14
N ARG A 50 8.47 -14.34 -18.24
CA ARG A 50 7.45 -15.19 -18.85
C ARG A 50 7.79 -16.65 -18.62
N GLU A 51 6.86 -17.41 -18.02
CA GLU A 51 7.07 -18.82 -17.77
C GLU A 51 6.95 -19.59 -19.10
N LEU A 52 7.97 -20.35 -19.43
CA LEU A 52 8.02 -20.99 -20.77
C LEU A 52 6.88 -21.99 -20.95
N ALA A 53 6.57 -22.74 -19.89
CA ALA A 53 5.59 -23.84 -19.96
C ALA A 53 4.14 -23.37 -20.08
N THR A 54 3.85 -22.13 -19.71
CA THR A 54 2.50 -21.58 -19.67
C THR A 54 2.26 -20.27 -20.44
N SER A 55 3.33 -19.58 -20.78
CA SER A 55 3.32 -18.22 -21.31
C SER A 55 2.80 -17.16 -20.31
N ARG A 56 2.63 -17.52 -19.03
CA ARG A 56 2.18 -16.54 -18.04
C ARG A 56 3.28 -15.55 -17.73
N GLU A 57 2.92 -14.28 -17.55
CA GLU A 57 3.92 -13.27 -17.09
C GLU A 57 3.77 -13.04 -15.60
N TYR A 58 4.89 -13.06 -14.87
CA TYR A 58 4.95 -12.76 -13.48
C TYR A 58 5.95 -11.63 -13.23
N ALA A 59 5.72 -10.84 -12.20
CA ALA A 59 6.74 -9.92 -11.68
C ALA A 59 7.56 -10.77 -10.69
N ILE A 60 8.83 -11.00 -11.00
CA ILE A 60 9.68 -11.79 -10.11
C ILE A 60 10.60 -10.85 -9.33
N LYS A 61 10.48 -10.89 -8.01
CA LYS A 61 11.33 -10.07 -7.16
C LYS A 61 12.53 -10.92 -6.80
N ILE A 62 13.74 -10.37 -7.03
CA ILE A 62 14.99 -11.12 -6.91
C ILE A 62 15.86 -10.47 -5.87
N LEU A 63 16.35 -11.27 -4.92
CA LEU A 63 17.18 -10.76 -3.83
C LEU A 63 18.42 -11.61 -3.74
N GLU A 64 19.56 -10.96 -3.47
CA GLU A 64 20.81 -11.69 -3.30
C GLU A 64 21.00 -12.09 -1.81
N LYS A 65 21.15 -13.37 -1.57
CA LYS A 65 21.20 -13.93 -0.20
C LYS A 65 22.35 -13.28 0.58
N ARG A 66 23.51 -13.18 -0.05
CA ARG A 66 24.67 -12.63 0.67
C ARG A 66 24.42 -11.19 1.15
N HIS A 67 23.79 -10.36 0.33
CA HIS A 67 23.51 -8.99 0.69
C HIS A 67 22.49 -8.87 1.81
N ILE A 68 21.45 -9.69 1.73
CA ILE A 68 20.40 -9.71 2.73
C ILE A 68 21.01 -10.11 4.07
N ILE A 69 21.92 -11.05 4.04
CA ILE A 69 22.52 -11.53 5.29
C ILE A 69 23.45 -10.44 5.84
N LYS A 70 24.24 -9.82 4.97
CA LYS A 70 25.21 -8.80 5.43
C LYS A 70 24.55 -7.60 6.04
N GLU A 71 23.40 -7.17 5.49
CA GLU A 71 22.68 -6.02 6.02
C GLU A 71 21.59 -6.33 7.05
N ASN A 72 21.60 -7.56 7.55
CA ASN A 72 20.70 -8.05 8.57
C ASN A 72 19.23 -7.87 8.20
N LYS A 73 18.89 -8.34 7.01
CA LYS A 73 17.53 -8.17 6.48
C LYS A 73 16.75 -9.49 6.41
N VAL A 74 17.30 -10.57 6.96
CA VAL A 74 16.59 -11.85 6.97
C VAL A 74 15.15 -11.71 7.54
N PRO A 75 14.95 -11.02 8.66
CA PRO A 75 13.59 -10.91 9.21
C PRO A 75 12.60 -10.27 8.21
N TYR A 76 13.08 -9.29 7.44
CA TYR A 76 12.17 -8.57 6.51
C TYR A 76 11.80 -9.45 5.32
N VAL A 77 12.78 -10.16 4.75
CA VAL A 77 12.52 -11.04 3.61
C VAL A 77 11.61 -12.18 4.03
N THR A 78 11.88 -12.73 5.23
CA THR A 78 11.05 -13.78 5.79
C THR A 78 9.62 -13.30 5.99
N ARG A 79 9.46 -12.10 6.54
CA ARG A 79 8.14 -11.51 6.79
C ARG A 79 7.41 -11.27 5.47
N GLU A 80 8.13 -10.85 4.43
CA GLU A 80 7.51 -10.55 3.12
C GLU A 80 6.83 -11.82 2.60
N ARG A 81 7.58 -12.91 2.58
CA ARG A 81 7.06 -14.19 2.13
C ARG A 81 5.91 -14.65 3.04
N ASP A 82 6.10 -14.57 4.35
CA ASP A 82 5.16 -15.16 5.27
C ASP A 82 3.83 -14.42 5.24
N VAL A 83 3.90 -13.10 5.25
CA VAL A 83 2.69 -12.29 5.23
C VAL A 83 1.96 -12.47 3.90
N MET A 84 2.67 -12.36 2.79
CA MET A 84 1.98 -12.46 1.50
C MET A 84 1.38 -13.83 1.31
N SER A 85 2.00 -14.86 1.88
CA SER A 85 1.44 -16.22 1.75
C SER A 85 0.10 -16.35 2.50
N ARG A 86 -0.10 -15.52 3.51
CA ARG A 86 -1.35 -15.51 4.30
C ARG A 86 -2.50 -14.76 3.66
N LEU A 87 -2.23 -13.91 2.70
CA LEU A 87 -3.27 -13.06 2.13
C LEU A 87 -4.01 -13.76 1.00
N ASP A 88 -5.32 -13.58 0.94
CA ASP A 88 -6.09 -14.17 -0.13
C ASP A 88 -7.29 -13.26 -0.40
N HIS A 89 -7.02 -12.17 -1.10
CA HIS A 89 -8.03 -11.11 -1.31
C HIS A 89 -7.69 -10.35 -2.59
N PRO A 90 -8.68 -9.97 -3.40
CA PRO A 90 -8.43 -9.33 -4.70
C PRO A 90 -7.57 -8.04 -4.66
N PHE A 91 -7.53 -7.34 -3.54
CA PHE A 91 -6.84 -6.05 -3.49
C PHE A 91 -5.43 -6.15 -3.00
N PHE A 92 -4.82 -7.34 -3.09
CA PHE A 92 -3.39 -7.50 -2.77
C PHE A 92 -2.71 -8.24 -3.89
N VAL A 93 -1.47 -7.88 -4.14
CA VAL A 93 -0.62 -8.70 -4.96
C VAL A 93 -0.51 -10.09 -4.38
N LYS A 94 -0.62 -11.08 -5.26
CA LYS A 94 -0.49 -12.50 -4.91
C LYS A 94 0.94 -12.98 -4.98
N LEU A 95 1.35 -13.78 -4.01
CA LEU A 95 2.61 -14.53 -4.08
C LEU A 95 2.31 -15.93 -4.58
N TYR A 96 2.73 -16.19 -5.82
CA TYR A 96 2.41 -17.47 -6.47
C TYR A 96 3.38 -18.59 -6.14
N PHE A 97 4.66 -18.25 -6.03
CA PHE A 97 5.71 -19.24 -5.84
C PHE A 97 6.94 -18.57 -5.31
N THR A 98 7.81 -19.38 -4.69
CA THR A 98 9.18 -18.95 -4.39
C THR A 98 10.15 -20.04 -4.77
N PHE A 99 11.39 -19.62 -5.05
CA PHE A 99 12.48 -20.56 -5.25
C PHE A 99 13.79 -19.85 -5.06
N GLN A 100 14.88 -20.63 -5.06
CA GLN A 100 16.20 -20.02 -4.89
C GLN A 100 17.22 -20.81 -5.65
N ASP A 101 18.28 -20.15 -6.06
CA ASP A 101 19.47 -20.83 -6.58
C ASP A 101 20.63 -20.60 -5.59
N ASP A 102 21.88 -20.88 -5.95
CA ASP A 102 22.95 -20.74 -4.98
C ASP A 102 23.09 -19.35 -4.42
N GLU A 103 22.75 -18.33 -5.22
CA GLU A 103 23.01 -16.95 -4.87
C GLU A 103 21.76 -16.12 -4.53
N LYS A 104 20.62 -16.45 -5.12
CA LYS A 104 19.48 -15.54 -5.11
C LYS A 104 18.17 -16.21 -4.65
N LEU A 105 17.30 -15.41 -4.10
CA LEU A 105 15.91 -15.74 -3.81
C LEU A 105 15.02 -15.12 -4.88
N TYR A 106 13.96 -15.82 -5.24
CA TYR A 106 13.04 -15.34 -6.25
C TYR A 106 11.64 -15.51 -5.72
N PHE A 107 10.88 -14.43 -5.74
CA PHE A 107 9.46 -14.42 -5.38
C PHE A 107 8.63 -14.13 -6.62
N GLY A 108 7.75 -15.05 -6.98
CA GLY A 108 6.87 -14.85 -8.11
C GLY A 108 5.58 -14.20 -7.71
N LEU A 109 5.36 -12.98 -8.18
CA LEU A 109 4.23 -12.13 -7.83
C LEU A 109 3.32 -11.81 -9.01
N SER A 110 2.10 -11.42 -8.68
CA SER A 110 1.22 -10.81 -9.67
C SER A 110 1.96 -9.70 -10.37
N TYR A 111 1.85 -9.67 -11.71
CA TYR A 111 2.26 -8.51 -12.49
C TYR A 111 1.12 -7.51 -12.63
N ALA A 112 1.23 -6.42 -11.89
CA ALA A 112 0.18 -5.41 -11.82
C ALA A 112 0.45 -4.46 -12.98
N LYS A 113 -0.19 -4.76 -14.11
CA LYS A 113 0.22 -4.23 -15.41
C LYS A 113 0.13 -2.71 -15.56
N ASN A 114 -0.71 -2.05 -14.78
CA ASN A 114 -0.83 -0.60 -14.84
C ASN A 114 0.03 0.18 -13.85
N GLY A 115 0.85 -0.52 -13.05
CA GLY A 115 1.86 0.12 -12.24
C GLY A 115 1.30 0.87 -11.03
N GLU A 116 2.01 1.92 -10.59
CA GLU A 116 1.71 2.55 -9.29
C GLU A 116 0.56 3.54 -9.37
N LEU A 117 -0.24 3.59 -8.30
CA LEU A 117 -1.24 4.64 -8.17
C LEU A 117 -0.61 6.04 -8.28
N LEU A 118 0.61 6.16 -7.75
CA LEU A 118 1.36 7.44 -7.80
C LEU A 118 1.49 7.95 -9.24
N LYS A 119 1.70 7.04 -10.19
CA LYS A 119 1.79 7.42 -11.61
C LYS A 119 0.55 8.19 -12.07
N TYR A 120 -0.62 7.70 -11.69
CA TYR A 120 -1.91 8.31 -12.07
C TYR A 120 -2.15 9.63 -11.36
N ILE A 121 -1.75 9.71 -10.11
CA ILE A 121 -1.84 10.99 -9.38
C ILE A 121 -0.99 12.02 -10.12
N ARG A 122 0.21 11.63 -10.50
CA ARG A 122 1.11 12.58 -11.19
C ARG A 122 0.55 12.96 -12.56
N LYS A 123 -0.01 12.00 -13.27
CA LYS A 123 -0.50 12.17 -14.64
C LYS A 123 -1.73 13.08 -14.70
N ILE A 124 -2.71 12.79 -13.85
CA ILE A 124 -4.05 13.37 -13.81
C ILE A 124 -4.03 14.67 -13.01
N GLY A 125 -3.12 14.79 -12.05
CA GLY A 125 -3.11 15.95 -11.18
C GLY A 125 -3.81 15.84 -9.86
N SER A 126 -5.14 16.05 -9.82
CA SER A 126 -6.06 15.82 -8.69
C SER A 126 -7.18 14.92 -9.26
N PHE A 127 -7.69 13.97 -8.48
CA PHE A 127 -8.81 13.11 -8.91
C PHE A 127 -10.13 13.84 -8.67
N ASP A 128 -11.14 13.58 -9.53
CA ASP A 128 -12.48 14.07 -9.26
C ASP A 128 -13.14 13.27 -8.14
N GLU A 129 -14.31 13.70 -7.70
CA GLU A 129 -14.91 13.08 -6.53
C GLU A 129 -15.27 11.63 -6.75
N THR A 130 -15.81 11.31 -7.93
CA THR A 130 -16.16 9.92 -8.25
C THR A 130 -14.95 8.97 -8.13
N CYS A 131 -13.83 9.38 -8.72
CA CYS A 131 -12.62 8.56 -8.74
C CYS A 131 -12.01 8.49 -7.35
N THR A 132 -11.98 9.62 -6.66
CA THR A 132 -11.52 9.65 -5.25
C THR A 132 -12.29 8.65 -4.39
N ARG A 133 -13.61 8.67 -4.53
CA ARG A 133 -14.45 7.79 -3.72
C ARG A 133 -14.19 6.33 -4.04
N PHE A 134 -14.13 5.99 -5.32
CA PHE A 134 -13.95 4.60 -5.71
C PHE A 134 -12.61 4.02 -5.22
N TYR A 135 -11.53 4.73 -5.48
CA TYR A 135 -10.23 4.24 -5.04
C TYR A 135 -10.04 4.26 -3.53
N THR A 136 -10.53 5.30 -2.85
CA THR A 136 -10.52 5.30 -1.39
C THR A 136 -11.28 4.07 -0.84
N ALA A 137 -12.45 3.79 -1.43
CA ALA A 137 -13.24 2.64 -1.00
C ALA A 137 -12.47 1.35 -1.16
N GLU A 138 -11.77 1.16 -2.28
CA GLU A 138 -10.97 -0.07 -2.44
C GLU A 138 -9.85 -0.15 -1.38
N ILE A 139 -9.18 0.97 -1.11
CA ILE A 139 -8.14 1.00 -0.09
C ILE A 139 -8.70 0.67 1.31
N VAL A 140 -9.81 1.29 1.67
CA VAL A 140 -10.48 0.99 2.93
C VAL A 140 -10.83 -0.50 3.05
N SER A 141 -11.40 -1.05 1.97
CA SER A 141 -11.78 -2.47 1.95
C SER A 141 -10.56 -3.38 2.14
N ALA A 142 -9.47 -3.00 1.50
CA ALA A 142 -8.23 -3.76 1.64
C ALA A 142 -7.70 -3.71 3.07
N LEU A 143 -7.72 -2.50 3.67
CA LEU A 143 -7.26 -2.35 5.02
C LEU A 143 -8.15 -3.10 6.02
N GLU A 144 -9.45 -3.10 5.77
CA GLU A 144 -10.36 -3.89 6.60
C GLU A 144 -9.93 -5.37 6.62
N TYR A 145 -9.62 -5.90 5.44
CA TYR A 145 -9.16 -7.28 5.32
C TYR A 145 -7.85 -7.50 6.05
N LEU A 146 -6.89 -6.64 5.80
CA LEU A 146 -5.58 -6.76 6.42
C LEU A 146 -5.66 -6.67 7.94
N HIS A 147 -6.33 -5.65 8.45
CA HIS A 147 -6.42 -5.43 9.90
C HIS A 147 -7.22 -6.56 10.55
N GLY A 148 -8.14 -7.16 9.82
CA GLY A 148 -8.91 -8.30 10.28
C GLY A 148 -8.03 -9.51 10.55
N LYS A 149 -6.92 -9.59 9.83
CA LYS A 149 -5.92 -10.65 10.00
C LYS A 149 -4.87 -10.32 11.04
N GLY A 150 -4.99 -9.15 11.70
CA GLY A 150 -3.99 -8.63 12.61
C GLY A 150 -2.66 -8.28 11.97
N ILE A 151 -2.70 -7.73 10.75
CA ILE A 151 -1.48 -7.31 10.07
C ILE A 151 -1.56 -5.79 9.87
N ILE A 152 -0.48 -5.10 10.21
CA ILE A 152 -0.31 -3.66 10.00
C ILE A 152 0.66 -3.50 8.83
N HIS A 153 0.29 -2.73 7.82
CA HIS A 153 1.17 -2.52 6.65
C HIS A 153 2.45 -1.80 7.06
N ARG A 154 2.27 -0.64 7.69
CA ARG A 154 3.35 0.25 8.12
C ARG A 154 4.08 1.06 7.07
N ASP A 155 3.82 0.87 5.79
CA ASP A 155 4.38 1.72 4.76
C ASP A 155 3.40 1.89 3.62
N LEU A 156 2.16 2.21 3.98
CA LEU A 156 1.13 2.46 2.99
C LEU A 156 1.32 3.81 2.31
N LYS A 157 1.32 3.81 0.98
CA LYS A 157 1.57 4.99 0.16
C LYS A 157 1.23 4.68 -1.30
N PRO A 158 1.02 5.71 -2.11
CA PRO A 158 0.63 5.46 -3.51
C PRO A 158 1.63 4.65 -4.32
N GLU A 159 2.91 4.69 -3.95
CA GLU A 159 3.93 3.86 -4.61
C GLU A 159 3.66 2.37 -4.44
N ASN A 160 3.01 2.01 -3.32
CA ASN A 160 2.77 0.62 -2.94
C ASN A 160 1.35 0.16 -3.20
N ILE A 161 0.54 1.00 -3.83
CA ILE A 161 -0.81 0.65 -4.21
C ILE A 161 -0.78 0.56 -5.75
N LEU A 162 -0.71 -0.66 -6.27
CA LEU A 162 -0.54 -0.87 -7.72
C LEU A 162 -1.92 -0.98 -8.36
N LEU A 163 -1.96 -0.93 -9.68
CA LEU A 163 -3.18 -1.06 -10.46
C LEU A 163 -3.06 -2.21 -11.44
N ASN A 164 -4.03 -3.11 -11.41
CA ASN A 164 -4.05 -4.24 -12.35
C ASN A 164 -4.54 -3.79 -13.72
N GLU A 165 -4.64 -4.73 -14.64
CA GLU A 165 -5.04 -4.42 -16.01
C GLU A 165 -6.44 -3.82 -16.08
N ASP A 166 -7.29 -4.17 -15.11
CA ASP A 166 -8.66 -3.65 -15.05
C ASP A 166 -8.82 -2.41 -14.18
N MET A 167 -7.69 -1.90 -13.68
CA MET A 167 -7.60 -0.65 -12.90
C MET A 167 -8.23 -0.83 -11.52
N HIS A 168 -8.20 -2.07 -11.03
CA HIS A 168 -8.43 -2.26 -9.59
C HIS A 168 -7.11 -2.29 -8.82
N ILE A 169 -7.16 -1.96 -7.56
CA ILE A 169 -5.91 -1.88 -6.78
C ILE A 169 -5.35 -3.27 -6.40
N GLN A 170 -4.05 -3.29 -6.20
CA GLN A 170 -3.31 -4.41 -5.69
C GLN A 170 -2.22 -3.85 -4.82
N ILE A 171 -2.37 -4.01 -3.51
CA ILE A 171 -1.40 -3.52 -2.53
C ILE A 171 -0.24 -4.47 -2.43
N THR A 172 0.96 -3.90 -2.31
CA THR A 172 2.17 -4.69 -2.18
C THR A 172 3.09 -4.16 -1.07
N ASP A 173 4.28 -4.74 -0.97
CA ASP A 173 5.38 -4.29 -0.09
C ASP A 173 5.12 -4.63 1.38
N PHE A 174 5.28 -5.90 1.70
CA PHE A 174 4.91 -6.44 3.00
C PHE A 174 6.07 -6.85 3.91
N GLY A 175 7.30 -6.69 3.44
CA GLY A 175 8.45 -7.08 4.25
C GLY A 175 8.57 -6.27 5.55
N THR A 176 8.06 -5.05 5.51
CA THR A 176 8.11 -4.13 6.65
C THR A 176 6.79 -4.06 7.42
N ALA A 177 5.89 -5.02 7.17
CA ALA A 177 4.62 -5.15 7.89
C ALA A 177 4.89 -5.62 9.33
N LYS A 178 3.90 -5.46 10.18
CA LYS A 178 3.99 -5.91 11.57
C LYS A 178 2.82 -6.84 11.77
N VAL A 179 3.12 -8.01 12.31
CA VAL A 179 2.09 -8.98 12.57
C VAL A 179 1.81 -8.97 14.08
N LEU A 180 0.60 -8.59 14.46
CA LEU A 180 0.22 -8.47 15.87
C LEU A 180 0.07 -9.83 16.57
N SEP A 191 10.80 -0.25 15.35
CA SEP A 191 12.05 -0.50 14.64
CB SEP A 191 12.32 -2.02 14.55
OG SEP A 191 11.85 -2.59 13.33
C SEP A 191 12.06 0.14 13.26
O SEP A 191 13.04 0.78 12.85
P SEP A 191 10.77 -3.77 13.57
O1P SEP A 191 10.35 -4.40 12.13
O2P SEP A 191 11.40 -4.96 14.43
O3P SEP A 191 9.49 -3.24 14.39
N PHE A 192 10.96 -0.06 12.54
CA PHE A 192 10.81 0.45 11.19
C PHE A 192 9.95 1.71 11.18
N VAL A 193 10.42 2.71 10.45
CA VAL A 193 9.63 3.91 10.15
C VAL A 193 9.55 4.07 8.65
N GLY A 194 8.33 4.17 8.14
CA GLY A 194 8.13 4.26 6.72
C GLY A 194 8.40 5.61 6.09
N THR A 195 7.89 5.74 4.89
CA THR A 195 8.09 6.90 4.07
C THR A 195 7.60 8.16 4.80
N ALA A 196 8.47 9.17 4.87
CA ALA A 196 8.24 10.30 5.77
C ALA A 196 6.90 10.97 5.64
N GLN A 197 6.45 11.18 4.40
CA GLN A 197 5.22 11.93 4.17
C GLN A 197 3.99 11.27 4.80
N TYR A 198 4.07 9.95 5.05
CA TYR A 198 2.93 9.18 5.53
C TYR A 198 3.06 8.66 6.95
N VAL A 199 4.16 9.03 7.58
CA VAL A 199 4.46 8.66 8.97
C VAL A 199 3.47 9.24 9.96
N SER A 200 2.94 8.38 10.84
CA SER A 200 2.04 8.81 11.88
C SER A 200 2.79 9.39 13.08
N PRO A 201 2.17 10.30 13.78
CA PRO A 201 2.88 11.01 14.87
C PRO A 201 3.35 10.06 15.98
N GLU A 202 2.62 8.98 16.25
CA GLU A 202 3.08 8.00 17.26
C GLU A 202 4.44 7.38 16.98
N LEU A 203 4.81 7.20 15.71
CA LEU A 203 6.11 6.65 15.38
C LEU A 203 7.23 7.63 15.71
N LEU A 204 6.89 8.92 15.81
CA LEU A 204 7.87 9.97 16.09
C LEU A 204 7.97 10.34 17.56
N THR A 205 6.95 9.95 18.33
CA THR A 205 6.83 10.41 19.71
C THR A 205 6.95 9.24 20.65
N GLU A 206 6.33 8.13 20.28
CA GLU A 206 6.23 6.95 21.13
C GLU A 206 7.01 5.74 20.57
N LYS A 207 7.52 5.85 19.34
CA LYS A 207 8.25 4.77 18.66
C LYS A 207 7.44 3.47 18.70
N SER A 208 6.20 3.52 18.25
CA SER A 208 5.32 2.34 18.26
C SER A 208 4.21 2.40 17.21
N ALA A 209 3.96 1.27 16.53
CA ALA A 209 2.99 1.20 15.44
C ALA A 209 1.76 0.37 15.84
N CYS A 210 0.63 0.76 15.28
CA CYS A 210 -0.63 0.08 15.50
C CYS A 210 -1.46 0.13 14.21
N LYS A 211 -2.63 -0.53 14.20
CA LYS A 211 -3.48 -0.53 13.03
C LYS A 211 -3.83 0.88 12.61
N SER A 212 -4.09 1.73 13.59
CA SER A 212 -4.41 3.11 13.33
C SER A 212 -3.26 3.88 12.62
N SER A 213 -1.98 3.44 12.68
CA SER A 213 -0.93 4.07 11.85
C SER A 213 -1.20 4.04 10.31
N ASP A 214 -1.75 2.91 9.88
CA ASP A 214 -2.23 2.78 8.50
C ASP A 214 -3.44 3.69 8.19
N LEU A 215 -4.28 3.96 9.19
CA LEU A 215 -5.42 4.85 9.00
C LEU A 215 -4.97 6.29 8.85
N TRP A 216 -3.90 6.68 9.53
CA TRP A 216 -3.31 8.01 9.30
C TRP A 216 -2.80 8.09 7.86
N ALA A 217 -2.09 7.07 7.41
CA ALA A 217 -1.62 7.02 6.03
C ALA A 217 -2.76 7.11 5.05
N LEU A 218 -3.87 6.40 5.34
CA LEU A 218 -5.07 6.50 4.50
C LEU A 218 -5.54 7.93 4.40
N GLY A 219 -5.60 8.64 5.54
CA GLY A 219 -5.96 10.03 5.52
C GLY A 219 -5.08 10.86 4.59
N CYS A 220 -3.77 10.63 4.65
CA CYS A 220 -2.82 11.35 3.81
C CYS A 220 -3.07 11.04 2.34
N ILE A 221 -3.40 9.79 2.04
CA ILE A 221 -3.63 9.35 0.67
C ILE A 221 -4.90 9.94 0.10
N ILE A 222 -5.98 9.98 0.89
CA ILE A 222 -7.21 10.63 0.45
C ILE A 222 -6.92 12.10 0.14
N TYR A 223 -6.23 12.76 1.06
CA TYR A 223 -5.87 14.15 0.83
C TYR A 223 -5.10 14.29 -0.48
N GLN A 224 -4.14 13.40 -0.70
CA GLN A 224 -3.33 13.43 -1.92
C GLN A 224 -4.15 13.20 -3.20
N LEU A 225 -5.11 12.28 -3.17
CA LEU A 225 -5.97 12.09 -4.34
C LEU A 225 -6.73 13.37 -4.68
N VAL A 226 -7.27 14.04 -3.66
CA VAL A 226 -8.11 15.21 -3.88
C VAL A 226 -7.26 16.43 -4.25
N ALA A 227 -6.17 16.66 -3.51
CA ALA A 227 -5.35 17.87 -3.66
C ALA A 227 -4.22 17.73 -4.67
N GLY A 228 -3.86 16.49 -5.00
CA GLY A 228 -2.77 16.20 -5.90
C GLY A 228 -1.41 16.07 -5.26
N LEU A 229 -1.31 16.44 -3.99
CA LEU A 229 -0.07 16.40 -3.24
C LEU A 229 -0.42 15.95 -1.84
N PRO A 230 0.52 15.31 -1.14
CA PRO A 230 0.23 14.87 0.23
C PRO A 230 0.27 16.05 1.21
N PRO A 231 -0.33 15.92 2.38
CA PRO A 231 -0.63 17.08 3.24
C PRO A 231 0.60 17.69 3.96
N PHE A 232 1.55 16.87 4.34
CA PHE A 232 2.76 17.28 5.06
C PHE A 232 3.95 17.25 4.08
N ARG A 233 4.40 18.44 3.68
CA ARG A 233 5.43 18.58 2.68
C ARG A 233 6.46 19.58 3.18
N ALA A 234 7.71 19.26 2.97
CA ALA A 234 8.80 20.19 3.29
C ALA A 234 10.07 19.75 2.60
N GLY A 235 11.12 20.57 2.70
CA GLY A 235 12.38 20.30 2.01
C GLY A 235 13.24 19.14 2.50
N ASN A 236 12.98 18.65 3.71
CA ASN A 236 13.66 17.47 4.18
C ASN A 236 12.82 16.71 5.21
N GLU A 237 13.27 15.53 5.62
CA GLU A 237 12.50 14.65 6.52
C GLU A 237 12.27 15.29 7.88
N TYR A 238 13.30 15.94 8.44
CA TYR A 238 13.15 16.60 9.73
C TYR A 238 11.98 17.58 9.70
N LEU A 239 11.92 18.42 8.67
CA LEU A 239 10.89 19.42 8.58
C LEU A 239 9.51 18.79 8.34
N ILE A 240 9.45 17.68 7.63
CA ILE A 240 8.19 16.95 7.49
C ILE A 240 7.71 16.43 8.86
N PHE A 241 8.60 15.79 9.60
CA PHE A 241 8.29 15.24 10.91
C PHE A 241 7.82 16.34 11.86
N GLN A 242 8.42 17.52 11.79
CA GLN A 242 7.98 18.60 12.65
C GLN A 242 6.54 18.99 12.32
N LYS A 243 6.18 19.01 11.03
CA LYS A 243 4.83 19.33 10.63
C LYS A 243 3.85 18.27 11.14
N ILE A 244 4.24 17.01 11.02
CA ILE A 244 3.34 15.92 11.42
C ILE A 244 3.00 16.01 12.91
N ILE A 245 4.00 16.23 13.75
CA ILE A 245 3.73 16.21 15.19
C ILE A 245 2.91 17.44 15.64
N LYS A 246 2.93 18.51 14.86
CA LYS A 246 2.12 19.70 15.13
C LYS A 246 0.79 19.71 14.36
N LEU A 247 0.50 18.67 13.61
CA LEU A 247 -0.67 18.62 12.73
C LEU A 247 -0.73 19.88 11.86
N GLU A 248 0.42 20.23 11.28
CA GLU A 248 0.54 21.45 10.49
C GLU A 248 0.29 21.18 9.01
N TYR A 249 -0.97 21.29 8.63
CA TYR A 249 -1.41 21.21 7.25
C TYR A 249 -2.71 22.01 7.10
N ASP A 250 -3.07 22.31 5.86
CA ASP A 250 -4.31 22.98 5.56
C ASP A 250 -4.96 22.35 4.36
N PHE A 251 -6.27 22.53 4.22
CA PHE A 251 -6.99 22.09 3.05
C PHE A 251 -7.05 23.18 1.99
N PRO A 252 -6.88 22.79 0.73
CA PRO A 252 -7.10 23.73 -0.38
C PRO A 252 -8.57 24.03 -0.51
N GLU A 253 -8.83 25.18 -1.11
CA GLU A 253 -10.18 25.55 -1.44
C GLU A 253 -10.81 24.53 -2.36
N LYS A 254 -12.12 24.34 -2.19
CA LYS A 254 -12.90 23.43 -3.00
C LYS A 254 -12.60 21.95 -2.73
N PHE A 255 -11.84 21.65 -1.69
CA PHE A 255 -11.64 20.24 -1.30
C PHE A 255 -13.02 19.67 -1.02
N PHE A 256 -13.44 18.60 -1.69
CA PHE A 256 -14.82 18.08 -1.54
C PHE A 256 -15.21 18.02 -0.09
N PRO A 257 -16.27 18.71 0.36
CA PRO A 257 -16.49 18.85 1.79
C PRO A 257 -16.58 17.54 2.60
N LYS A 258 -17.25 16.52 2.06
CA LYS A 258 -17.38 15.29 2.83
C LYS A 258 -16.05 14.56 2.89
N ALA A 259 -15.20 14.74 1.87
CA ALA A 259 -13.83 14.16 1.93
C ALA A 259 -13.00 14.91 2.98
N ARG A 260 -13.13 16.25 3.03
CA ARG A 260 -12.46 17.02 4.07
C ARG A 260 -12.82 16.51 5.46
N ASP A 261 -14.12 16.32 5.71
CA ASP A 261 -14.59 15.81 6.98
C ASP A 261 -13.97 14.46 7.31
N LEU A 262 -13.92 13.58 6.32
CA LEU A 262 -13.31 12.26 6.53
C LEU A 262 -11.82 12.37 6.87
N VAL A 263 -11.09 13.18 6.09
CA VAL A 263 -9.65 13.34 6.33
C VAL A 263 -9.42 13.91 7.76
N GLU A 264 -10.25 14.86 8.19
CA GLU A 264 -10.16 15.42 9.54
C GLU A 264 -10.39 14.38 10.63
N LYS A 265 -11.15 13.34 10.32
CA LYS A 265 -11.42 12.25 11.22
C LYS A 265 -10.36 11.13 11.19
N LEU A 266 -9.41 11.21 10.26
CA LEU A 266 -8.30 10.27 10.15
C LEU A 266 -6.97 10.88 10.58
N LEU A 267 -6.73 12.14 10.22
CA LEU A 267 -5.50 12.81 10.61
C LEU A 267 -5.68 13.44 12.00
N VAL A 268 -5.68 12.59 12.99
CA VAL A 268 -5.93 12.94 14.40
C VAL A 268 -4.69 12.52 15.13
N LEU A 269 -4.09 13.41 15.94
CA LEU A 269 -2.87 13.05 16.61
C LEU A 269 -2.99 11.81 17.52
N ASP A 270 -4.06 11.74 18.29
CA ASP A 270 -4.36 10.60 19.14
C ASP A 270 -4.80 9.41 18.29
N ALA A 271 -3.97 8.39 18.20
CA ALA A 271 -4.25 7.24 17.36
C ALA A 271 -5.51 6.48 17.76
N THR A 272 -5.98 6.62 18.99
CA THR A 272 -7.20 5.91 19.41
C THR A 272 -8.49 6.68 19.03
N LYS A 273 -8.36 7.81 18.33
CA LYS A 273 -9.50 8.62 17.96
C LYS A 273 -9.69 8.72 16.44
N ARG A 274 -8.96 7.88 15.69
CA ARG A 274 -9.07 7.83 14.26
C ARG A 274 -10.20 6.91 13.78
N LEU A 275 -11.03 7.41 12.89
CA LEU A 275 -12.11 6.62 12.36
C LEU A 275 -11.59 5.34 11.73
N GLY A 276 -12.18 4.20 12.11
CA GLY A 276 -11.64 2.92 11.73
C GLY A 276 -10.89 2.12 12.74
N CYS A 277 -10.32 2.79 13.75
CA CYS A 277 -9.59 2.08 14.78
C CYS A 277 -10.53 1.34 15.74
N GLU A 278 -9.99 0.32 16.40
CA GLU A 278 -10.82 -0.48 17.32
C GLU A 278 -11.47 0.36 18.44
N GLU A 279 -10.78 1.39 18.92
CA GLU A 279 -11.34 2.23 19.99
C GLU A 279 -12.46 3.13 19.52
N MET A 280 -12.56 3.30 18.21
CA MET A 280 -13.65 4.01 17.57
C MET A 280 -14.67 3.04 16.95
N GLU A 281 -14.61 1.77 17.36
CA GLU A 281 -15.51 0.72 16.98
C GLU A 281 -15.37 0.25 15.53
N GLY A 282 -14.19 0.45 14.94
CA GLY A 282 -13.81 -0.34 13.77
C GLY A 282 -14.27 0.17 12.45
N TYR A 283 -14.36 -0.74 11.48
CA TYR A 283 -14.60 -0.38 10.07
C TYR A 283 -16.02 0.00 9.75
N GLY A 284 -17.00 -0.38 10.59
CA GLY A 284 -18.36 -0.02 10.33
C GLY A 284 -18.57 1.48 10.25
N PRO A 285 -18.20 2.21 11.30
CA PRO A 285 -18.33 3.68 11.27
C PRO A 285 -17.54 4.34 10.16
N LEU A 286 -16.38 3.79 9.80
CA LEU A 286 -15.62 4.36 8.66
C LEU A 286 -16.34 4.20 7.35
N LYS A 287 -16.83 2.99 7.07
CA LYS A 287 -17.50 2.71 5.81
C LYS A 287 -18.84 3.43 5.74
N ALA A 288 -19.38 3.79 6.92
CA ALA A 288 -20.65 4.50 7.00
C ALA A 288 -20.47 6.01 6.85
N HIS A 289 -19.24 6.47 6.70
CA HIS A 289 -19.05 7.94 6.57
C HIS A 289 -19.82 8.48 5.38
N PRO A 290 -20.39 9.68 5.48
CA PRO A 290 -21.14 10.26 4.37
C PRO A 290 -20.41 10.38 3.03
N PHE A 291 -19.08 10.51 3.04
CA PHE A 291 -18.32 10.51 1.80
C PHE A 291 -18.58 9.25 0.98
N PHE A 292 -18.84 8.14 1.65
CA PHE A 292 -19.05 6.86 0.98
C PHE A 292 -20.53 6.50 0.75
N GLU A 293 -21.46 7.43 0.90
CA GLU A 293 -22.89 7.06 0.83
C GLU A 293 -23.31 6.18 -0.38
N SER A 294 -22.79 6.50 -1.56
CA SER A 294 -23.19 5.77 -2.76
C SER A 294 -22.35 4.50 -3.02
N VAL A 295 -21.42 4.18 -2.11
CA VAL A 295 -20.55 3.01 -2.31
C VAL A 295 -21.30 1.74 -1.96
N THR A 296 -21.14 0.75 -2.82
CA THR A 296 -21.53 -0.60 -2.57
C THR A 296 -20.26 -1.39 -2.21
N TRP A 297 -20.14 -1.69 -0.92
CA TRP A 297 -18.90 -2.22 -0.34
C TRP A 297 -18.71 -3.71 -0.62
N GLU A 298 -19.79 -4.43 -0.94
CA GLU A 298 -19.74 -5.90 -0.93
C GLU A 298 -18.94 -6.48 -2.07
N ASN A 299 -18.87 -5.77 -3.19
CA ASN A 299 -18.30 -6.32 -4.41
C ASN A 299 -17.54 -5.34 -5.29
N LEU A 300 -16.70 -4.49 -4.67
CA LEU A 300 -15.98 -3.48 -5.40
C LEU A 300 -15.11 -4.04 -6.55
N HIS A 301 -14.48 -5.20 -6.37
CA HIS A 301 -13.59 -5.74 -7.41
C HIS A 301 -14.34 -6.20 -8.67
N GLN A 302 -15.65 -6.32 -8.55
CA GLN A 302 -16.53 -6.71 -9.66
C GLN A 302 -17.21 -5.52 -10.30
N GLN A 303 -17.00 -4.33 -9.73
CA GLN A 303 -17.49 -3.07 -10.29
C GLN A 303 -16.52 -2.49 -11.32
N THR A 304 -17.02 -1.76 -12.32
CA THR A 304 -16.14 -1.13 -13.30
C THR A 304 -15.60 0.18 -12.74
N PRO A 305 -14.27 0.28 -12.57
CA PRO A 305 -13.73 1.51 -12.03
C PRO A 305 -14.09 2.69 -12.91
N PRO A 306 -14.25 3.86 -12.34
CA PRO A 306 -14.50 5.06 -13.14
C PRO A 306 -13.26 5.42 -13.91
N LYS A 307 -13.40 5.95 -15.12
CA LYS A 307 -12.23 6.39 -15.88
C LYS A 307 -11.55 7.61 -15.25
N LEU A 308 -10.22 7.57 -15.21
CA LEU A 308 -9.39 8.63 -14.67
C LEU A 308 -9.13 9.66 -15.75
N THR A 309 -9.71 10.85 -15.57
CA THR A 309 -9.87 11.90 -16.59
C THR A 309 -10.26 11.35 -17.96
N ALA A 310 -9.43 11.22 -18.87
C1 GOL B . -0.16 -15.31 -14.01
O1 GOL B . -1.10 -15.81 -14.96
C2 GOL B . -0.29 -13.81 -13.99
O2 GOL B . -1.62 -13.41 -14.02
C3 GOL B . 0.30 -13.30 -12.69
O3 GOL B . 0.87 -12.12 -13.12
C1 GOL C . 11.84 -7.71 1.96
O1 GOL C . 12.18 -8.53 0.83
C2 GOL C . 12.24 -6.27 1.73
O2 GOL C . 12.81 -5.75 2.92
C3 GOL C . 13.23 -6.13 0.59
O3 GOL C . 12.52 -5.48 -0.45
C1 GOL D . 19.98 -13.48 -13.79
O1 GOL D . 21.38 -13.28 -13.50
C2 GOL D . 19.34 -14.40 -12.77
O2 GOL D . 18.64 -13.65 -11.78
C3 GOL D . 18.36 -15.34 -13.45
O3 GOL D . 18.50 -16.57 -12.81
C1 GOL E . 5.31 -23.86 -4.90
O1 GOL E . 6.18 -23.82 -6.07
C2 GOL E . 6.04 -23.26 -3.68
O2 GOL E . 6.68 -22.10 -4.10
C3 GOL E . 5.11 -22.75 -2.57
O3 GOL E . 5.72 -21.54 -2.04
C1 GOL F . -4.64 21.39 10.92
O1 GOL F . -4.35 21.38 12.33
C2 GOL F . -6.13 21.27 10.61
O2 GOL F . -6.84 22.33 11.26
C3 GOL F . -6.36 21.34 9.09
O3 GOL F . -7.57 22.08 8.80
C1 GOL G . -14.13 -7.02 -3.02
O1 GOL G . -14.92 -6.99 -4.21
C2 GOL G . -14.68 -6.20 -1.86
O2 GOL G . -15.56 -5.15 -2.07
C3 GOL G . -14.92 -7.00 -0.63
O3 GOL G . -13.66 -6.94 -0.13
C1 GOL H . 16.96 -15.46 -19.85
O1 GOL H . 15.75 -15.78 -19.15
C2 GOL H . 16.58 -14.96 -21.21
O2 GOL H . 15.59 -13.96 -21.19
C3 GOL H . 17.80 -14.38 -21.89
O3 GOL H . 17.88 -15.14 -23.05
C1 GOL I . 11.66 1.80 -8.01
O1 GOL I . 11.69 0.38 -8.02
C2 GOL I . 11.54 2.28 -9.44
O2 GOL I . 10.58 3.33 -9.46
C3 GOL I . 12.91 2.78 -9.90
O3 GOL I . 13.75 1.64 -10.19
S SO4 J . 12.44 -21.32 -1.16
O1 SO4 J . 11.01 -21.07 -1.20
O2 SO4 J . 13.20 -20.20 -1.71
O3 SO4 J . 12.69 -22.55 -1.91
O4 SO4 J . 12.86 -21.48 0.24
S SO4 K . -3.19 -11.52 -10.75
O1 SO4 K . -3.57 -10.67 -9.62
O2 SO4 K . -1.99 -12.27 -10.48
O3 SO4 K . -2.84 -10.70 -11.89
O4 SO4 K . -4.27 -12.50 -10.98
S SO4 L . -4.51 -17.82 -16.30
O1 SO4 L . -5.14 -16.54 -16.49
O2 SO4 L . -3.09 -17.72 -16.64
O3 SO4 L . -5.21 -18.78 -17.16
O4 SO4 L . -4.66 -18.31 -14.93
S SO4 M . -22.98 -2.86 0.96
O1 SO4 M . -22.54 -1.50 0.73
O2 SO4 M . -22.62 -3.79 -0.17
O3 SO4 M . -24.44 -2.86 1.10
O4 SO4 M . -22.39 -3.38 2.21
S SO4 N . 13.98 -2.63 -1.30
O1 SO4 N . 12.91 -3.14 -0.43
O2 SO4 N . 13.39 -1.64 -2.19
O3 SO4 N . 14.58 -3.74 -1.98
O4 SO4 N . 14.95 -1.94 -0.44
S SO4 O . -4.86 -16.13 8.87
O1 SO4 O . -4.92 -15.00 9.78
O2 SO4 O . -3.66 -16.11 8.03
O3 SO4 O . -6.03 -16.08 8.00
O4 SO4 O . -4.84 -17.37 9.67
S SO4 P . -14.51 -13.39 -9.54
O1 SO4 P . -14.99 -12.08 -10.01
O2 SO4 P . -13.98 -14.16 -10.70
O3 SO4 P . -15.59 -14.12 -8.95
O4 SO4 P . -13.37 -13.08 -8.63
CBD LY4 Q . 6.91 0.04 -6.23
CBB LY4 Q . 6.53 -0.97 -5.17
NAW LY4 Q . 6.54 -2.39 -5.54
CAV LY4 Q . 5.94 -2.92 -6.67
CAX LY4 Q . 6.87 -3.42 -4.78
CAY LY4 Q . 7.44 -3.46 -3.49
CAZ LY4 Q . 7.72 -4.71 -2.90
CAP LY4 Q . 7.48 -5.92 -3.56
CAO LY4 Q . 6.89 -5.88 -4.85
CAN LY4 Q . 6.58 -4.61 -5.45
CAM LY4 Q . 6.03 -4.27 -6.68
CAH LY4 Q . 5.40 -5.06 -7.72
CAE LY4 Q . 4.54 -6.18 -7.45
OAF LY4 Q . 4.29 -6.69 -6.35
NAD LY4 Q . 3.99 -6.66 -8.61
CAC LY4 Q . 4.43 -5.88 -9.58
OAB LY4 Q . 4.06 -6.03 -10.76
CAG LY4 Q . 5.34 -4.88 -9.14
CAL LY4 Q . 5.97 -3.83 -9.87
CAU LY4 Q . 7.15 -3.27 -9.48
CAK LY4 Q . 5.57 -3.10 -11.02
CAJ LY4 Q . 4.44 -3.18 -11.90
CAI LY4 Q . 4.36 -2.27 -12.95
CAQ LY4 Q . 5.33 -1.28 -13.16
CAR LY4 Q . 6.43 -1.19 -12.30
CAS LY4 Q . 6.53 -2.12 -11.24
NAT LY4 Q . 7.48 -2.24 -10.30
CBA LY4 Q . 8.68 -1.41 -10.06
CBC LY4 Q . 8.26 -0.32 -9.06
OBE LY4 Q . 8.46 -0.95 -7.78
CBF LY4 Q . 8.38 -0.08 -6.64
CBG LY4 Q . 9.26 -0.83 -5.61
NBH LY4 Q . 10.73 -0.79 -5.93
CBI LY4 Q . 11.50 -0.88 -4.69
CBJ LY4 Q . 11.15 -1.98 -6.71
#